data_2ILM
#
_entry.id   2ILM
#
_cell.length_a   86.531
_cell.length_b   86.531
_cell.length_c   147.640
_cell.angle_alpha   90.00
_cell.angle_beta   90.00
_cell.angle_gamma   90.00
#
_symmetry.space_group_name_H-M   'P 41 21 2'
#
loop_
_entity.id
_entity.type
_entity.pdbx_description
1 polymer 'Hypoxia-inducible factor 1 alpha inhibitor'
2 polymer 'Hypoxia-inducible factor 1 alpha'
3 non-polymer 'FE (II) ION'
4 non-polymer 'SULFATE ION'
5 non-polymer 'BICARBONATE ION'
6 non-polymer '2-OXOGLUTARIC ACID'
7 non-polymer GLYCEROL
8 water water
#
loop_
_entity_poly.entity_id
_entity_poly.type
_entity_poly.pdbx_seq_one_letter_code
_entity_poly.pdbx_strand_id
1 'polypeptide(L)'
;MAATAAEAVASGSGEPREEAGALGPAWDESQLRSYSFPTRPIPRLSQSDPRAEELIENEEPVVLTDTNLVYPALKWDLEY
LQENIGNGDFSVYSASTHKFLYYDEKKMANFQNFKPRSNREEMKFHEFVEKLQDIQQRGGEERLYLQQTLNDTVGRKIVM
DFLGFNWNWINKQQGKRGWGQLTSNLLLIGMEGNVTPAHYAEQQNFFAQIKGYKRCILFPPDQFECLYPYPVHHPCDRQS
QVDFDNPDYERFPNFQNVVGYETVVGPGDVLYIPMYWWHHIESLLNGGITITVNFWYKGAPTPKRIEYPLKAHQKVAIMR
NIEKMLGEALGNPQEVGPLLNTMIKGRYN
;
A
2 'polypeptide(L)' SMDESGLPQLTSYDCEVNAPIQGSRNLLQGEELLRALDQVN S
#
loop_
_chem_comp.id
_chem_comp.type
_chem_comp.name
_chem_comp.formula
AKG non-polymer '2-OXOGLUTARIC ACID' 'C5 H6 O5'
BCT non-polymer 'BICARBONATE ION' 'C H O3 -1'
FE2 non-polymer 'FE (II) ION' 'Fe 2'
GOL non-polymer GLYCEROL 'C3 H8 O3'
SO4 non-polymer 'SULFATE ION' 'O4 S -2'
#
# COMPACT_ATOMS: atom_id res chain seq x y z
N ALA A 8 -14.07 -22.09 -3.94
CA ALA A 8 -13.86 -22.75 -5.25
C ALA A 8 -12.68 -22.11 -6.02
N VAL A 9 -12.96 -20.99 -6.68
CA VAL A 9 -11.96 -20.27 -7.48
C VAL A 9 -11.01 -19.44 -6.59
N ALA A 10 -10.97 -19.80 -5.30
CA ALA A 10 -10.11 -19.13 -4.34
C ALA A 10 -8.72 -19.77 -4.40
N SER A 11 -8.06 -19.63 -5.55
CA SER A 11 -6.72 -20.18 -5.75
C SER A 11 -5.70 -19.48 -4.87
N GLY A 12 -5.89 -18.17 -4.69
CA GLY A 12 -4.96 -17.40 -3.90
C GLY A 12 -3.91 -16.83 -4.84
N SER A 13 -2.63 -16.97 -4.48
CA SER A 13 -1.57 -16.47 -5.33
C SER A 13 -1.23 -17.46 -6.42
N GLY A 14 -1.68 -18.70 -6.25
CA GLY A 14 -1.42 -19.74 -7.22
C GLY A 14 -0.12 -20.44 -6.90
N GLU A 15 0.20 -21.49 -7.65
CA GLU A 15 1.44 -22.23 -7.40
C GLU A 15 2.64 -21.29 -7.63
N PRO A 16 3.58 -21.26 -6.68
CA PRO A 16 4.79 -20.42 -6.76
C PRO A 16 5.48 -20.50 -8.12
N ARG A 17 6.00 -19.38 -8.58
CA ARG A 17 6.69 -19.36 -9.87
C ARG A 17 8.07 -20.02 -9.77
N GLU A 18 8.50 -20.63 -10.88
CA GLU A 18 9.80 -21.28 -10.94
C GLU A 18 10.82 -20.30 -11.53
N GLU A 19 11.86 -19.97 -10.76
CA GLU A 19 12.89 -19.05 -11.24
C GLU A 19 13.71 -19.67 -12.39
N ALA A 20 13.99 -18.87 -13.42
CA ALA A 20 14.77 -19.31 -14.58
C ALA A 20 16.08 -19.98 -14.17
N GLY A 21 16.54 -20.92 -14.99
CA GLY A 21 17.78 -21.63 -14.70
C GLY A 21 17.63 -22.69 -13.62
N ALA A 22 16.44 -23.30 -13.53
CA ALA A 22 16.14 -24.36 -12.55
C ALA A 22 16.60 -24.02 -11.14
N LEU A 23 16.51 -22.75 -10.77
CA LEU A 23 16.94 -22.32 -9.44
C LEU A 23 15.91 -22.63 -8.35
N GLY A 24 14.86 -23.36 -8.73
CA GLY A 24 13.84 -23.74 -7.77
C GLY A 24 12.70 -22.74 -7.57
N PRO A 25 11.80 -23.04 -6.63
CA PRO A 25 10.68 -22.13 -6.37
C PRO A 25 11.21 -20.86 -5.71
N ALA A 26 10.76 -19.71 -6.21
CA ALA A 26 11.17 -18.44 -5.65
C ALA A 26 10.75 -18.34 -4.18
N TRP A 27 9.63 -18.99 -3.83
CA TRP A 27 9.10 -18.99 -2.47
C TRP A 27 8.08 -20.12 -2.32
N ASP A 28 7.59 -20.36 -1.12
CA ASP A 28 6.57 -21.40 -0.92
C ASP A 28 5.52 -20.97 0.08
N GLU A 29 4.35 -21.58 0.00
CA GLU A 29 3.23 -21.22 0.90
C GLU A 29 3.62 -20.95 2.34
N SER A 30 4.51 -21.77 2.91
CA SER A 30 4.86 -21.59 4.32
C SER A 30 5.40 -20.21 4.68
N GLN A 31 5.69 -19.40 3.67
CA GLN A 31 6.19 -18.05 3.93
C GLN A 31 5.05 -17.05 4.04
N LEU A 32 3.87 -17.47 3.61
CA LEU A 32 2.67 -16.65 3.66
C LEU A 32 1.98 -16.81 5.02
N ARG A 33 1.46 -15.70 5.57
CA ARG A 33 0.73 -15.78 6.84
C ARG A 33 -0.68 -16.37 6.61
N SER A 34 -1.36 -16.74 7.68
CA SER A 34 -2.69 -17.33 7.56
C SER A 34 -3.83 -16.36 7.90
N TYR A 35 -4.81 -16.27 7.02
CA TYR A 35 -5.94 -15.38 7.24
C TYR A 35 -7.31 -16.07 7.09
N SER A 36 -8.31 -15.49 7.73
CA SER A 36 -9.66 -16.03 7.76
C SER A 36 -10.50 -15.83 6.52
N PHE A 37 -9.96 -15.18 5.51
CA PHE A 37 -10.79 -14.93 4.33
C PHE A 37 -10.22 -15.56 3.08
N PRO A 38 -11.07 -15.83 2.12
CA PRO A 38 -10.65 -16.43 0.86
C PRO A 38 -10.13 -15.32 -0.08
N THR A 39 -9.47 -15.72 -1.16
CA THR A 39 -8.95 -14.80 -2.16
C THR A 39 -8.82 -15.53 -3.50
N ARG A 40 -8.95 -14.75 -4.57
CA ARG A 40 -8.81 -15.22 -5.92
C ARG A 40 -7.49 -14.57 -6.34
N PRO A 41 -6.86 -15.07 -7.41
CA PRO A 41 -5.58 -14.51 -7.86
C PRO A 41 -5.65 -13.28 -8.72
N ILE A 42 -4.67 -12.39 -8.55
CA ILE A 42 -4.62 -11.21 -9.40
C ILE A 42 -3.94 -11.69 -10.67
N PRO A 43 -4.47 -11.30 -11.81
CA PRO A 43 -3.88 -11.72 -13.09
C PRO A 43 -2.44 -11.21 -13.30
N ARG A 44 -1.52 -12.08 -13.73
CA ARG A 44 -0.12 -11.72 -14.04
C ARG A 44 0.00 -11.71 -15.56
N LEU A 45 0.16 -10.54 -16.15
CA LEU A 45 0.22 -10.42 -17.60
C LEU A 45 1.39 -9.61 -18.11
N SER A 46 1.51 -9.59 -19.44
CA SER A 46 2.53 -8.85 -20.13
C SER A 46 1.94 -7.52 -20.52
N GLN A 47 2.75 -6.49 -20.39
CA GLN A 47 2.33 -5.14 -20.71
C GLN A 47 1.82 -5.04 -22.14
N SER A 48 2.28 -5.94 -23.01
CA SER A 48 1.81 -5.90 -24.41
C SER A 48 0.47 -6.62 -24.55
N ASP A 49 0.07 -7.34 -23.51
CA ASP A 49 -1.19 -8.05 -23.51
C ASP A 49 -2.34 -7.05 -23.43
N PRO A 50 -3.27 -7.07 -24.40
CA PRO A 50 -4.41 -6.15 -24.41
C PRO A 50 -5.23 -6.19 -23.11
N ARG A 51 -5.35 -7.37 -22.52
CA ARG A 51 -6.11 -7.53 -21.30
C ARG A 51 -5.59 -6.65 -20.19
N ALA A 52 -4.27 -6.61 -20.03
CA ALA A 52 -3.68 -5.80 -18.98
C ALA A 52 -4.08 -4.34 -19.12
N GLU A 53 -4.21 -3.87 -20.36
CA GLU A 53 -4.56 -2.49 -20.62
C GLU A 53 -6.04 -2.29 -20.29
N GLU A 54 -6.83 -3.33 -20.52
CA GLU A 54 -8.26 -3.26 -20.23
C GLU A 54 -8.43 -3.20 -18.71
N LEU A 55 -7.68 -4.02 -17.99
CA LEU A 55 -7.76 -4.05 -16.54
C LEU A 55 -7.40 -2.72 -15.92
N ILE A 56 -6.35 -2.09 -16.44
CA ILE A 56 -5.90 -0.80 -15.90
C ILE A 56 -6.90 0.30 -16.18
N GLU A 57 -7.46 0.29 -17.39
CA GLU A 57 -8.44 1.29 -17.79
C GLU A 57 -9.70 1.14 -16.93
N ASN A 58 -10.11 -0.09 -16.68
CA ASN A 58 -11.30 -0.37 -15.87
C ASN A 58 -10.94 -0.33 -14.39
N GLU A 59 -9.79 0.24 -14.08
CA GLU A 59 -9.35 0.30 -12.70
C GLU A 59 -9.48 -0.98 -11.89
N GLU A 60 -8.90 -2.05 -12.39
CA GLU A 60 -8.88 -3.32 -11.69
C GLU A 60 -7.40 -3.67 -11.59
N PRO A 61 -6.98 -4.26 -10.47
CA PRO A 61 -5.57 -4.61 -10.31
C PRO A 61 -5.01 -5.61 -11.32
N VAL A 62 -3.71 -5.53 -11.57
CA VAL A 62 -3.05 -6.42 -12.51
C VAL A 62 -1.56 -6.39 -12.25
N VAL A 63 -0.89 -7.53 -12.43
CA VAL A 63 0.55 -7.61 -12.24
C VAL A 63 1.23 -7.67 -13.63
N LEU A 64 2.01 -6.64 -13.95
CA LEU A 64 2.74 -6.57 -15.22
C LEU A 64 4.12 -7.17 -14.98
N THR A 65 4.50 -8.13 -15.82
CA THR A 65 5.77 -8.82 -15.62
C THR A 65 6.97 -8.36 -16.42
N ASP A 66 6.75 -7.59 -17.45
CA ASP A 66 7.83 -7.17 -18.33
C ASP A 66 7.79 -5.69 -18.70
N THR A 67 7.68 -4.80 -17.73
CA THR A 67 7.63 -3.38 -18.06
C THR A 67 9.03 -2.76 -18.16
N ASN A 68 9.96 -3.32 -17.39
CA ASN A 68 11.32 -2.80 -17.30
C ASN A 68 11.21 -1.44 -16.65
N LEU A 69 10.15 -1.23 -15.87
CA LEU A 69 9.87 0.03 -15.18
C LEU A 69 11.06 0.49 -14.37
N VAL A 70 11.59 -0.39 -13.54
CA VAL A 70 12.73 -0.03 -12.70
C VAL A 70 13.90 -0.98 -12.93
N TYR A 71 14.11 -1.33 -14.19
CA TYR A 71 15.18 -2.26 -14.59
C TYR A 71 16.51 -1.93 -13.91
N PRO A 72 16.96 -0.67 -14.01
CA PRO A 72 18.23 -0.24 -13.40
C PRO A 72 18.30 -0.47 -11.90
N ALA A 73 17.14 -0.58 -11.24
CA ALA A 73 17.13 -0.78 -9.79
C ALA A 73 17.20 -2.26 -9.39
N LEU A 74 17.05 -3.16 -10.35
CA LEU A 74 17.09 -4.57 -9.98
C LEU A 74 18.38 -4.95 -9.32
N LYS A 75 19.40 -4.13 -9.53
CA LYS A 75 20.70 -4.42 -8.93
C LYS A 75 20.83 -3.83 -7.54
N TRP A 76 19.90 -2.98 -7.17
CA TRP A 76 19.92 -2.37 -5.84
C TRP A 76 19.93 -3.39 -4.71
N ASP A 77 20.73 -3.09 -3.69
CA ASP A 77 20.82 -3.92 -2.51
C ASP A 77 21.32 -2.99 -1.41
N LEU A 78 21.39 -3.45 -0.17
CA LEU A 78 21.83 -2.58 0.91
C LEU A 78 23.19 -1.93 0.65
N GLU A 79 24.17 -2.72 0.25
CA GLU A 79 25.50 -2.19 -0.03
C GLU A 79 25.47 -1.09 -1.08
N TYR A 80 25.01 -1.43 -2.28
CA TYR A 80 24.93 -0.47 -3.38
C TYR A 80 24.29 0.84 -2.93
N LEU A 81 23.17 0.74 -2.23
CA LEU A 81 22.46 1.93 -1.77
C LEU A 81 23.23 2.71 -0.73
N GLN A 82 23.78 2.01 0.25
CA GLN A 82 24.57 2.62 1.32
C GLN A 82 25.90 3.07 0.73
N GLU A 83 25.92 3.35 -0.56
CA GLU A 83 27.14 3.74 -1.24
C GLU A 83 26.85 4.78 -2.31
N ASN A 84 25.58 4.98 -2.63
CA ASN A 84 25.23 5.93 -3.66
C ASN A 84 23.96 6.71 -3.38
N ILE A 85 23.24 6.35 -2.32
CA ILE A 85 21.99 7.04 -2.05
C ILE A 85 22.17 8.44 -1.49
N GLY A 86 23.35 8.70 -0.91
CA GLY A 86 23.60 10.02 -0.38
C GLY A 86 23.64 10.08 1.13
N ASN A 87 23.69 11.31 1.65
CA ASN A 87 23.74 11.53 3.09
C ASN A 87 22.46 12.22 3.59
N GLY A 88 21.40 12.13 2.78
CA GLY A 88 20.14 12.73 3.16
C GLY A 88 19.53 12.01 4.35
N ASP A 89 18.40 12.49 4.84
CA ASP A 89 17.73 11.86 5.98
C ASP A 89 16.66 10.91 5.46
N PHE A 90 16.58 9.73 6.08
CA PHE A 90 15.62 8.70 5.68
C PHE A 90 14.67 8.27 6.79
N SER A 91 13.38 8.57 6.62
CA SER A 91 12.38 8.18 7.62
C SER A 91 12.48 6.67 7.88
N VAL A 92 12.43 6.27 9.15
CA VAL A 92 12.51 4.85 9.52
C VAL A 92 11.59 4.52 10.68
N TYR A 93 10.62 3.64 10.43
CA TYR A 93 9.67 3.24 11.45
C TYR A 93 10.11 1.98 12.15
N SER A 94 9.64 1.82 13.38
CA SER A 94 9.99 0.65 14.19
C SER A 94 8.73 0.01 14.77
N ALA A 95 8.85 -1.20 15.28
CA ALA A 95 7.70 -1.88 15.85
C ALA A 95 8.08 -3.15 16.59
N SER A 96 7.39 -3.41 17.70
CA SER A 96 7.64 -4.59 18.50
C SER A 96 6.92 -5.77 17.86
N THR A 97 6.00 -5.47 16.96
CA THR A 97 5.24 -6.50 16.27
C THR A 97 5.51 -6.44 14.77
N HIS A 98 4.99 -7.41 14.01
CA HIS A 98 5.19 -7.43 12.58
C HIS A 98 4.30 -6.44 11.86
N LYS A 99 3.25 -5.98 12.53
CA LYS A 99 2.30 -5.03 11.96
C LYS A 99 2.75 -3.57 12.07
N PHE A 100 2.87 -2.91 10.92
CA PHE A 100 3.28 -1.51 10.86
C PHE A 100 2.12 -0.57 10.55
N LEU A 101 1.29 -0.30 11.54
CA LEU A 101 0.17 0.61 11.32
C LEU A 101 0.75 2.03 11.20
N TYR A 102 0.26 2.78 10.23
CA TYR A 102 0.72 4.14 9.97
C TYR A 102 -0.14 5.20 10.69
N TYR A 103 0.50 6.26 11.19
CA TYR A 103 -0.21 7.33 11.88
C TYR A 103 0.07 8.70 11.28
N ASP A 104 -0.99 9.42 10.91
CA ASP A 104 -0.84 10.75 10.36
C ASP A 104 -0.67 11.71 11.55
N GLU A 105 0.55 12.17 11.76
CA GLU A 105 0.86 13.05 12.86
C GLU A 105 0.03 14.33 13.00
N LYS A 106 -0.26 14.98 11.87
CA LYS A 106 -1.07 16.20 11.92
C LYS A 106 -2.44 15.92 12.55
N LYS A 107 -2.85 14.65 12.55
CA LYS A 107 -4.14 14.30 13.13
C LYS A 107 -4.03 13.78 14.53
N MET A 108 -2.81 13.57 15.00
CA MET A 108 -2.63 13.06 16.38
C MET A 108 -3.12 14.00 17.48
N ALA A 109 -3.55 15.20 17.11
CA ALA A 109 -4.05 16.17 18.07
C ALA A 109 -5.54 15.94 18.32
N ASN A 110 -6.28 15.55 17.28
CA ASN A 110 -7.71 15.29 17.37
C ASN A 110 -8.01 14.17 18.37
N PHE A 111 -7.05 13.27 18.55
CA PHE A 111 -7.21 12.16 19.48
C PHE A 111 -6.05 12.12 20.46
N GLN A 112 -6.34 12.39 21.73
CA GLN A 112 -5.30 12.38 22.76
C GLN A 112 -5.14 10.97 23.31
N ASN A 113 -6.26 10.26 23.45
CA ASN A 113 -6.28 8.90 23.96
C ASN A 113 -5.73 7.89 22.97
N PHE A 114 -4.86 8.36 22.08
CA PHE A 114 -4.25 7.51 21.07
C PHE A 114 -2.78 7.27 21.38
N LYS A 115 -2.41 6.00 21.51
CA LYS A 115 -1.03 5.63 21.81
C LYS A 115 -0.37 5.02 20.59
N PRO A 116 0.56 5.76 19.96
CA PRO A 116 1.29 5.29 18.78
C PRO A 116 2.00 3.97 19.03
N ARG A 117 2.11 3.14 17.98
CA ARG A 117 2.76 1.83 18.09
C ARG A 117 4.04 1.74 17.28
N SER A 118 4.14 2.59 16.25
CA SER A 118 5.31 2.61 15.38
C SER A 118 5.81 4.05 15.23
N ASN A 119 6.95 4.34 15.86
CA ASN A 119 7.54 5.67 15.82
C ASN A 119 8.52 5.87 14.66
N ARG A 120 8.43 7.04 14.04
CA ARG A 120 9.29 7.42 12.94
C ARG A 120 10.63 7.87 13.54
N GLU A 121 11.67 7.84 12.73
CA GLU A 121 12.99 8.25 13.19
C GLU A 121 13.90 8.52 12.00
N GLU A 122 14.22 9.80 11.78
CA GLU A 122 15.10 10.18 10.68
C GLU A 122 16.52 9.72 10.97
N MET A 123 17.24 9.35 9.92
CA MET A 123 18.62 8.92 10.06
C MET A 123 19.30 8.76 8.72
N LYS A 124 20.61 8.56 8.77
CA LYS A 124 21.38 8.40 7.56
C LYS A 124 21.31 6.94 7.14
N PHE A 125 21.30 6.71 5.85
CA PHE A 125 21.20 5.34 5.33
C PHE A 125 22.12 4.37 6.02
N HIS A 126 23.37 4.76 6.24
CA HIS A 126 24.36 3.91 6.89
C HIS A 126 23.95 3.57 8.31
N GLU A 127 23.15 4.43 8.93
CA GLU A 127 22.69 4.21 10.29
C GLU A 127 21.61 3.13 10.27
N PHE A 128 20.69 3.24 9.32
CA PHE A 128 19.64 2.24 9.18
C PHE A 128 20.26 0.88 8.89
N VAL A 129 21.21 0.84 7.95
CA VAL A 129 21.86 -0.41 7.58
C VAL A 129 22.60 -1.00 8.77
N GLU A 130 23.13 -0.11 9.61
CA GLU A 130 23.85 -0.54 10.79
C GLU A 130 22.85 -1.04 11.82
N LYS A 131 21.83 -0.21 12.07
CA LYS A 131 20.80 -0.53 13.05
C LYS A 131 20.14 -1.85 12.69
N LEU A 132 20.08 -2.13 11.39
CA LEU A 132 19.49 -3.36 10.89
C LEU A 132 20.43 -4.52 11.20
N GLN A 133 21.69 -4.35 10.85
CA GLN A 133 22.70 -5.37 11.09
C GLN A 133 22.76 -5.62 12.60
N ASP A 134 22.74 -4.55 13.38
CA ASP A 134 22.78 -4.65 14.84
C ASP A 134 21.58 -5.43 15.37
N ILE A 135 20.43 -5.19 14.76
CA ILE A 135 19.20 -5.87 15.15
C ILE A 135 19.32 -7.36 14.85
N GLN A 136 19.98 -7.69 13.75
CA GLN A 136 20.17 -9.08 13.37
C GLN A 136 21.26 -9.72 14.20
N GLN A 137 22.09 -8.88 14.82
CA GLN A 137 23.20 -9.37 15.63
C GLN A 137 22.74 -10.14 16.87
N ARG A 138 22.07 -9.44 17.78
CA ARG A 138 21.58 -10.04 19.01
C ARG A 138 20.29 -10.84 18.79
N GLY A 139 19.96 -11.11 17.54
CA GLY A 139 18.75 -11.84 17.25
C GLY A 139 17.52 -11.26 17.92
N GLY A 140 17.46 -9.94 17.99
CA GLY A 140 16.35 -9.25 18.62
C GLY A 140 15.02 -9.47 17.91
N GLU A 141 13.96 -8.88 18.46
CA GLU A 141 12.63 -9.03 17.89
C GLU A 141 12.15 -7.75 17.21
N GLU A 142 12.78 -6.63 17.53
CA GLU A 142 12.40 -5.35 16.94
C GLU A 142 12.40 -5.45 15.42
N ARG A 143 11.56 -4.63 14.79
CA ARG A 143 11.48 -4.64 13.34
C ARG A 143 11.56 -3.22 12.80
N LEU A 144 12.20 -3.07 11.65
CA LEU A 144 12.37 -1.76 11.03
C LEU A 144 11.78 -1.75 9.63
N TYR A 145 11.36 -0.58 9.20
CA TYR A 145 10.78 -0.45 7.88
C TYR A 145 11.10 0.95 7.41
N LEU A 146 12.08 1.05 6.50
CA LEU A 146 12.46 2.33 5.97
C LEU A 146 11.50 2.67 4.83
N GLN A 147 10.93 3.87 4.90
CA GLN A 147 9.99 4.35 3.89
C GLN A 147 10.34 5.82 3.74
N GLN A 148 11.01 6.14 2.64
CA GLN A 148 11.47 7.49 2.38
C GLN A 148 11.26 7.93 0.93
N THR A 149 10.62 9.08 0.74
CA THR A 149 10.40 9.61 -0.59
C THR A 149 11.77 9.88 -1.22
N LEU A 150 11.88 9.74 -2.53
CA LEU A 150 13.14 9.99 -3.20
C LEU A 150 13.19 11.46 -3.60
N ASN A 151 14.12 12.20 -2.97
CA ASN A 151 14.28 13.62 -3.25
C ASN A 151 15.48 13.88 -4.15
N ASP A 152 15.85 15.15 -4.29
CA ASP A 152 16.98 15.54 -5.14
C ASP A 152 18.33 15.37 -4.46
N THR A 153 18.32 14.91 -3.22
CA THR A 153 19.55 14.73 -2.47
C THR A 153 20.20 13.36 -2.59
N VAL A 154 19.82 12.58 -3.61
CA VAL A 154 20.39 11.26 -3.77
C VAL A 154 21.62 11.26 -4.66
N GLY A 155 22.57 10.38 -4.36
CA GLY A 155 23.79 10.29 -5.14
C GLY A 155 23.61 10.26 -6.65
N ARG A 156 24.68 10.57 -7.37
CA ARG A 156 24.66 10.60 -8.83
C ARG A 156 24.27 9.26 -9.46
N LYS A 157 24.75 8.16 -8.89
CA LYS A 157 24.43 6.83 -9.40
C LYS A 157 22.93 6.59 -9.31
N ILE A 158 22.38 6.74 -8.11
CA ILE A 158 20.97 6.52 -7.92
C ILE A 158 20.20 7.39 -8.89
N VAL A 159 20.72 8.58 -9.14
CA VAL A 159 20.06 9.46 -10.09
C VAL A 159 20.17 8.87 -11.50
N MET A 160 21.30 8.25 -11.80
CA MET A 160 21.50 7.62 -13.10
C MET A 160 20.45 6.52 -13.26
N ASP A 161 20.43 5.64 -12.27
CA ASP A 161 19.47 4.53 -12.21
C ASP A 161 18.03 5.03 -12.43
N PHE A 162 17.67 6.10 -11.73
CA PHE A 162 16.35 6.71 -11.80
C PHE A 162 15.98 7.11 -13.21
N LEU A 163 16.95 7.66 -13.91
CA LEU A 163 16.75 8.13 -15.28
C LEU A 163 16.55 6.95 -16.21
N GLY A 164 17.13 5.82 -15.83
CA GLY A 164 16.97 4.64 -16.63
C GLY A 164 15.61 3.97 -16.45
N PHE A 165 14.72 4.51 -15.60
CA PHE A 165 13.43 3.86 -15.42
C PHE A 165 12.69 3.97 -16.73
N ASN A 166 11.75 3.06 -17.00
CA ASN A 166 11.02 3.12 -18.28
C ASN A 166 9.92 4.19 -18.27
N TRP A 167 10.35 5.45 -18.33
CA TRP A 167 9.43 6.59 -18.31
C TRP A 167 8.56 6.58 -19.53
N ASN A 168 9.08 6.11 -20.64
CA ASN A 168 8.26 6.09 -21.83
C ASN A 168 6.99 5.26 -21.58
N TRP A 169 7.11 4.15 -20.85
CA TRP A 169 5.96 3.31 -20.59
C TRP A 169 4.98 3.91 -19.59
N ILE A 170 5.49 4.34 -18.44
CA ILE A 170 4.64 4.89 -17.41
C ILE A 170 3.99 6.22 -17.83
N ASN A 171 4.79 7.16 -18.34
CA ASN A 171 4.23 8.42 -18.80
C ASN A 171 3.07 8.20 -19.75
N LYS A 172 3.23 7.23 -20.64
CA LYS A 172 2.18 6.91 -21.60
C LYS A 172 0.97 6.32 -20.86
N GLN A 173 1.21 5.56 -19.81
CA GLN A 173 0.10 5.00 -19.06
C GLN A 173 -0.67 6.18 -18.48
N GLN A 174 0.08 7.08 -17.85
CA GLN A 174 -0.47 8.31 -17.26
C GLN A 174 -1.29 9.06 -18.32
N GLY A 175 -0.80 9.05 -19.56
CA GLY A 175 -1.50 9.73 -20.63
C GLY A 175 -2.81 9.08 -21.00
N LYS A 176 -2.77 7.77 -21.25
CA LYS A 176 -3.96 7.03 -21.63
C LYS A 176 -5.05 6.93 -20.57
N ARG A 177 -4.71 7.13 -19.30
CA ARG A 177 -5.71 7.05 -18.24
C ARG A 177 -6.19 8.44 -17.81
N GLY A 178 -5.61 9.47 -18.40
CA GLY A 178 -5.99 10.83 -18.07
C GLY A 178 -5.56 11.22 -16.68
N TRP A 179 -4.70 10.40 -16.06
CA TRP A 179 -4.25 10.69 -14.71
C TRP A 179 -3.63 12.06 -14.55
N GLY A 180 -3.56 12.51 -13.31
CA GLY A 180 -2.96 13.77 -12.99
C GLY A 180 -1.47 13.56 -12.95
N GLN A 181 -0.77 14.31 -12.10
CA GLN A 181 0.68 14.23 -12.03
C GLN A 181 1.27 13.27 -11.03
N LEU A 182 2.45 12.77 -11.35
CA LEU A 182 3.15 11.88 -10.46
C LEU A 182 3.46 12.72 -9.22
N THR A 183 2.91 12.33 -8.08
CA THR A 183 3.14 13.08 -6.85
C THR A 183 4.40 12.62 -6.16
N SER A 184 4.71 11.34 -6.25
CA SER A 184 5.93 10.89 -5.61
C SER A 184 6.36 9.46 -5.91
N ASN A 185 7.53 9.13 -5.41
CA ASN A 185 8.11 7.82 -5.54
C ASN A 185 8.59 7.54 -4.14
N LEU A 186 8.01 6.55 -3.50
CA LEU A 186 8.44 6.21 -2.16
C LEU A 186 9.34 4.99 -2.29
N LEU A 187 10.50 5.03 -1.64
CA LEU A 187 11.43 3.93 -1.66
C LEU A 187 11.10 3.15 -0.41
N LEU A 188 10.86 1.85 -0.53
CA LEU A 188 10.54 1.06 0.66
C LEU A 188 11.47 -0.13 0.83
N ILE A 189 12.16 -0.14 1.95
CA ILE A 189 13.07 -1.23 2.26
C ILE A 189 12.54 -1.77 3.56
N GLY A 190 12.25 -3.07 3.60
CA GLY A 190 11.72 -3.66 4.82
C GLY A 190 12.25 -5.02 5.17
N MET A 191 12.06 -5.39 6.43
CA MET A 191 12.52 -6.67 6.90
C MET A 191 11.48 -7.76 6.63
N GLU A 192 11.96 -8.98 6.40
CA GLU A 192 11.06 -10.09 6.16
C GLU A 192 10.01 -10.14 7.27
N GLY A 193 8.83 -10.65 6.92
CA GLY A 193 7.74 -10.74 7.89
C GLY A 193 6.99 -9.46 8.14
N ASN A 194 7.59 -8.33 7.75
CA ASN A 194 6.95 -7.03 7.95
C ASN A 194 5.59 -7.01 7.26
N VAL A 195 4.66 -6.30 7.88
CA VAL A 195 3.31 -6.20 7.34
C VAL A 195 2.81 -4.77 7.36
N THR A 196 2.25 -4.35 6.24
CA THR A 196 1.65 -3.01 6.18
C THR A 196 0.18 -3.39 6.09
N PRO A 197 -0.58 -3.16 7.18
CA PRO A 197 -2.02 -3.48 7.29
C PRO A 197 -2.86 -2.88 6.19
N ALA A 198 -4.01 -3.50 5.94
CA ALA A 198 -4.92 -3.07 4.90
C ALA A 198 -5.29 -1.59 4.97
N HIS A 199 -5.23 -0.91 3.84
CA HIS A 199 -5.56 0.51 3.76
C HIS A 199 -5.78 0.86 2.33
N TYR A 200 -6.39 2.02 2.09
CA TYR A 200 -6.61 2.43 0.72
C TYR A 200 -6.06 3.84 0.50
N ALA A 201 -5.79 4.18 -0.76
CA ALA A 201 -5.24 5.47 -1.14
C ALA A 201 -6.19 6.23 -2.04
N GLU A 202 -5.96 7.53 -2.17
CA GLU A 202 -6.81 8.34 -3.02
C GLU A 202 -6.10 8.59 -4.33
N GLN A 203 -4.98 7.90 -4.54
CA GLN A 203 -4.22 8.04 -5.78
C GLN A 203 -3.97 6.69 -6.46
N GLN A 204 -3.70 6.73 -7.77
CA GLN A 204 -3.39 5.54 -8.57
C GLN A 204 -1.96 5.14 -8.17
N ASN A 205 -1.70 3.85 -8.08
CA ASN A 205 -0.39 3.38 -7.63
C ASN A 205 0.25 2.28 -8.51
N PHE A 206 1.50 2.48 -8.92
CA PHE A 206 2.23 1.45 -9.65
C PHE A 206 3.28 1.04 -8.65
N PHE A 207 3.18 -0.21 -8.20
CA PHE A 207 4.03 -0.77 -7.16
C PHE A 207 5.11 -1.65 -7.83
N ALA A 208 6.32 -1.10 -7.95
CA ALA A 208 7.45 -1.77 -8.61
C ALA A 208 8.37 -2.54 -7.67
N GLN A 209 8.26 -3.87 -7.70
CA GLN A 209 9.07 -4.70 -6.82
C GLN A 209 10.51 -4.79 -7.38
N ILE A 210 11.46 -4.77 -6.46
CA ILE A 210 12.86 -4.75 -6.84
C ILE A 210 13.69 -5.86 -6.23
N LYS A 211 13.56 -6.05 -4.92
CA LYS A 211 14.31 -7.09 -4.21
C LYS A 211 13.42 -7.79 -3.21
N GLY A 212 13.47 -9.11 -3.19
CA GLY A 212 12.65 -9.86 -2.26
C GLY A 212 11.26 -10.10 -2.83
N TYR A 213 10.44 -10.77 -2.06
CA TYR A 213 9.10 -11.09 -2.48
C TYR A 213 8.07 -10.51 -1.53
N LYS A 214 7.00 -9.99 -2.10
CA LYS A 214 5.91 -9.41 -1.30
C LYS A 214 4.54 -9.95 -1.68
N ARG A 215 3.77 -10.31 -0.66
CA ARG A 215 2.41 -10.81 -0.89
C ARG A 215 1.50 -9.60 -0.73
N CYS A 216 0.72 -9.36 -1.77
CA CYS A 216 -0.18 -8.24 -1.82
C CYS A 216 -1.65 -8.74 -1.86
N ILE A 217 -2.43 -8.38 -0.83
CA ILE A 217 -3.84 -8.74 -0.79
C ILE A 217 -4.68 -7.47 -0.98
N LEU A 218 -5.44 -7.43 -2.06
CA LEU A 218 -6.28 -6.27 -2.39
C LEU A 218 -7.79 -6.52 -2.22
N PHE A 219 -8.53 -5.49 -1.83
CA PHE A 219 -9.97 -5.59 -1.71
C PHE A 219 -10.55 -4.43 -2.50
N PRO A 220 -11.58 -4.68 -3.31
CA PRO A 220 -12.22 -3.63 -4.12
C PRO A 220 -12.92 -2.58 -3.23
N PRO A 221 -13.12 -1.37 -3.76
CA PRO A 221 -13.78 -0.29 -3.03
C PRO A 221 -15.12 -0.73 -2.44
N ASP A 222 -15.89 -1.55 -3.18
CA ASP A 222 -17.19 -1.97 -2.67
C ASP A 222 -17.13 -2.85 -1.42
N GLN A 223 -15.96 -3.03 -0.83
CA GLN A 223 -15.91 -3.79 0.41
C GLN A 223 -15.68 -2.89 1.60
N PHE A 224 -15.95 -1.61 1.40
CA PHE A 224 -15.85 -0.63 2.48
C PHE A 224 -16.58 -1.14 3.74
N GLU A 225 -17.79 -1.70 3.53
CA GLU A 225 -18.62 -2.22 4.61
C GLU A 225 -17.95 -3.32 5.41
N CYS A 226 -17.08 -4.11 4.79
CA CYS A 226 -16.45 -5.22 5.54
C CYS A 226 -15.08 -4.88 6.11
N LEU A 227 -14.55 -3.71 5.76
CA LEU A 227 -13.20 -3.38 6.22
C LEU A 227 -13.08 -2.35 7.32
N TYR A 228 -14.17 -1.65 7.59
CA TYR A 228 -14.24 -0.70 8.69
C TYR A 228 -13.09 0.29 8.91
N PRO A 229 -12.93 1.24 7.99
CA PRO A 229 -11.85 2.23 8.16
C PRO A 229 -12.07 3.09 9.41
N TYR A 230 -10.98 3.56 9.99
CA TYR A 230 -11.03 4.44 11.13
C TYR A 230 -11.74 5.73 10.71
N PRO A 231 -12.17 6.56 11.68
CA PRO A 231 -12.83 7.81 11.31
C PRO A 231 -11.82 8.66 10.50
N VAL A 232 -12.33 9.42 9.54
CA VAL A 232 -11.47 10.28 8.74
C VAL A 232 -10.53 11.18 9.57
N HIS A 233 -11.00 11.75 10.67
CA HIS A 233 -10.17 12.64 11.50
C HIS A 233 -9.22 11.90 12.41
N HIS A 234 -9.36 10.59 12.48
CA HIS A 234 -8.45 9.80 13.29
C HIS A 234 -7.07 9.65 12.58
N PRO A 235 -5.99 9.53 13.34
CA PRO A 235 -4.64 9.37 12.77
C PRO A 235 -4.54 8.20 11.79
N CYS A 236 -5.32 7.14 12.02
CA CYS A 236 -5.22 6.00 11.13
C CYS A 236 -6.21 6.02 9.97
N ASP A 237 -6.70 7.23 9.66
CA ASP A 237 -7.59 7.41 8.53
C ASP A 237 -7.11 6.60 7.32
N ARG A 238 -8.04 5.91 6.65
CA ARG A 238 -7.79 5.11 5.44
C ARG A 238 -7.30 3.69 5.72
N GLN A 239 -7.03 3.39 6.97
CA GLN A 239 -6.61 2.05 7.38
C GLN A 239 -7.80 1.28 7.97
N SER A 240 -7.74 -0.04 7.92
CA SER A 240 -8.82 -0.87 8.46
C SER A 240 -8.62 -0.97 9.97
N GLN A 241 -9.70 -0.96 10.74
CA GLN A 241 -9.57 -1.13 12.20
C GLN A 241 -9.47 -2.63 12.51
N VAL A 242 -9.77 -3.46 11.52
CA VAL A 242 -9.73 -4.88 11.75
C VAL A 242 -8.33 -5.45 11.82
N ASP A 243 -8.06 -6.17 12.89
CA ASP A 243 -6.76 -6.84 13.06
C ASP A 243 -6.86 -8.16 12.28
N PHE A 244 -6.27 -8.25 11.10
CA PHE A 244 -6.32 -9.47 10.30
C PHE A 244 -5.86 -10.73 11.04
N ASP A 245 -5.02 -10.59 12.06
CA ASP A 245 -4.54 -11.74 12.82
C ASP A 245 -5.49 -12.21 13.90
N ASN A 246 -6.29 -11.31 14.46
CA ASN A 246 -7.25 -11.65 15.50
C ASN A 246 -8.47 -10.74 15.31
N PRO A 247 -9.22 -11.00 14.24
CA PRO A 247 -10.41 -10.22 13.88
C PRO A 247 -11.53 -10.27 14.90
N ASP A 248 -12.01 -9.11 15.28
CA ASP A 248 -13.10 -8.96 16.24
C ASP A 248 -14.44 -8.97 15.49
N TYR A 249 -15.01 -10.15 15.32
CA TYR A 249 -16.28 -10.27 14.60
C TYR A 249 -17.44 -9.63 15.31
N GLU A 250 -17.30 -9.32 16.59
CA GLU A 250 -18.40 -8.69 17.31
C GLU A 250 -18.46 -7.24 16.88
N ARG A 251 -17.30 -6.57 16.84
CA ARG A 251 -17.28 -5.19 16.41
C ARG A 251 -17.36 -5.07 14.89
N PHE A 252 -16.78 -6.03 14.18
CA PHE A 252 -16.76 -5.92 12.72
C PHE A 252 -17.37 -7.13 12.01
N PRO A 253 -18.67 -7.35 12.22
CA PRO A 253 -19.34 -8.51 11.61
C PRO A 253 -19.11 -8.79 10.12
N ASN A 254 -19.15 -7.77 9.26
CA ASN A 254 -18.98 -8.05 7.85
C ASN A 254 -17.58 -8.41 7.36
N PHE A 255 -16.63 -8.49 8.27
CA PHE A 255 -15.31 -8.92 7.87
C PHE A 255 -15.42 -10.43 7.52
N GLN A 256 -16.52 -11.05 7.97
CA GLN A 256 -16.75 -12.49 7.72
C GLN A 256 -17.17 -12.69 6.29
N ASN A 257 -17.43 -11.58 5.64
CA ASN A 257 -17.85 -11.56 4.25
C ASN A 257 -16.76 -11.03 3.33
N VAL A 258 -15.60 -10.71 3.87
CA VAL A 258 -14.56 -10.13 3.02
C VAL A 258 -13.90 -11.12 2.07
N VAL A 259 -13.81 -10.71 0.81
CA VAL A 259 -13.19 -11.52 -0.23
C VAL A 259 -12.08 -10.72 -0.92
N GLY A 260 -10.84 -11.19 -0.82
CA GLY A 260 -9.71 -10.49 -1.44
C GLY A 260 -9.14 -11.04 -2.74
N TYR A 261 -8.23 -10.28 -3.33
CA TYR A 261 -7.54 -10.64 -4.57
C TYR A 261 -6.09 -10.61 -4.14
N GLU A 262 -5.33 -11.68 -4.40
CA GLU A 262 -3.94 -11.66 -4.00
C GLU A 262 -2.94 -12.09 -5.07
N THR A 263 -1.67 -11.93 -4.74
CA THR A 263 -0.58 -12.26 -5.64
C THR A 263 0.72 -11.99 -4.91
N VAL A 264 1.78 -12.64 -5.36
CA VAL A 264 3.09 -12.39 -4.75
C VAL A 264 3.91 -11.70 -5.84
N VAL A 265 4.49 -10.56 -5.52
CA VAL A 265 5.31 -9.88 -6.51
C VAL A 265 6.75 -10.05 -6.14
N GLY A 266 7.57 -10.13 -7.18
CA GLY A 266 9.00 -10.27 -7.02
C GLY A 266 9.79 -9.35 -7.94
N PRO A 267 11.12 -9.41 -7.86
CA PRO A 267 12.00 -8.57 -8.69
C PRO A 267 11.50 -8.40 -10.11
N GLY A 268 11.19 -7.16 -10.49
CA GLY A 268 10.72 -6.94 -11.86
C GLY A 268 9.23 -6.87 -12.09
N ASP A 269 8.43 -7.26 -11.11
CA ASP A 269 6.98 -7.19 -11.29
C ASP A 269 6.50 -5.78 -10.90
N VAL A 270 5.46 -5.34 -11.58
CA VAL A 270 4.86 -4.07 -11.30
C VAL A 270 3.38 -4.35 -11.02
N LEU A 271 2.90 -3.98 -9.85
CA LEU A 271 1.51 -4.19 -9.49
C LEU A 271 0.71 -2.91 -9.57
N TYR A 272 -0.35 -2.96 -10.36
CA TYR A 272 -1.21 -1.82 -10.46
C TYR A 272 -2.26 -1.91 -9.34
N ILE A 273 -2.13 -1.02 -8.36
CA ILE A 273 -3.05 -0.92 -7.24
C ILE A 273 -3.93 0.30 -7.55
N PRO A 274 -5.14 0.08 -8.09
CA PRO A 274 -6.04 1.18 -8.42
C PRO A 274 -6.45 1.99 -7.20
N MET A 275 -6.73 3.27 -7.44
CA MET A 275 -7.15 4.26 -6.45
C MET A 275 -8.38 3.73 -5.70
N TYR A 276 -8.36 3.86 -4.36
CA TYR A 276 -9.45 3.41 -3.48
C TYR A 276 -9.44 1.92 -3.16
N TRP A 277 -8.62 1.13 -3.85
CA TRP A 277 -8.55 -0.30 -3.54
C TRP A 277 -7.77 -0.55 -2.29
N TRP A 278 -8.36 -1.31 -1.37
CA TRP A 278 -7.61 -1.61 -0.15
C TRP A 278 -6.44 -2.52 -0.51
N HIS A 279 -5.32 -2.37 0.18
CA HIS A 279 -4.19 -3.26 -0.01
C HIS A 279 -3.49 -3.50 1.31
N HIS A 280 -3.23 -4.78 1.55
CA HIS A 280 -2.56 -5.31 2.72
C HIS A 280 -1.30 -5.84 2.07
N ILE A 281 -0.13 -5.47 2.58
CA ILE A 281 1.12 -5.92 1.96
C ILE A 281 2.07 -6.48 2.98
N GLU A 282 2.56 -7.69 2.72
CA GLU A 282 3.50 -8.33 3.64
C GLU A 282 4.74 -8.90 2.93
N SER A 283 5.89 -8.74 3.57
CA SER A 283 7.15 -9.26 3.03
C SER A 283 7.21 -10.69 3.52
N LEU A 284 7.37 -11.65 2.60
CA LEU A 284 7.38 -13.06 2.99
C LEU A 284 8.28 -13.36 4.20
N LEU A 285 7.83 -14.32 5.00
CA LEU A 285 8.58 -14.72 6.18
C LEU A 285 9.85 -15.43 5.71
N ASN A 286 10.95 -15.16 6.40
CA ASN A 286 12.24 -15.75 6.08
C ASN A 286 12.58 -15.54 4.62
N GLY A 287 12.08 -14.47 4.04
CA GLY A 287 12.33 -14.19 2.64
C GLY A 287 13.46 -13.18 2.45
N GLY A 288 13.95 -12.62 3.55
CA GLY A 288 15.03 -11.65 3.45
C GLY A 288 14.46 -10.26 3.34
N ILE A 289 15.31 -9.25 3.34
CA ILE A 289 14.80 -7.90 3.24
C ILE A 289 14.12 -7.74 1.89
N THR A 290 13.24 -6.76 1.79
CA THR A 290 12.54 -6.49 0.55
C THR A 290 12.75 -5.03 0.16
N ILE A 291 12.71 -4.77 -1.14
CA ILE A 291 12.86 -3.43 -1.65
C ILE A 291 11.81 -3.19 -2.71
N THR A 292 11.21 -2.00 -2.63
CA THR A 292 10.16 -1.62 -3.53
C THR A 292 10.22 -0.12 -3.75
N VAL A 293 9.80 0.28 -4.93
CA VAL A 293 9.71 1.69 -5.25
C VAL A 293 8.32 1.80 -5.84
N ASN A 294 7.50 2.73 -5.36
CA ASN A 294 6.19 2.89 -5.96
C ASN A 294 6.07 4.22 -6.68
N PHE A 295 5.01 4.37 -7.45
CA PHE A 295 4.74 5.55 -8.24
C PHE A 295 3.29 6.02 -8.02
N TRP A 296 3.12 7.20 -7.41
CA TRP A 296 1.78 7.71 -7.16
C TRP A 296 1.37 8.85 -8.07
N TYR A 297 0.20 8.68 -8.68
CA TYR A 297 -0.37 9.65 -9.59
C TYR A 297 -1.74 10.09 -9.14
N LYS A 298 -2.05 11.37 -9.31
CA LYS A 298 -3.37 11.87 -8.96
C LYS A 298 -4.29 11.25 -10.00
N GLY A 299 -5.47 10.83 -9.60
CA GLY A 299 -6.36 10.22 -10.57
C GLY A 299 -6.88 11.22 -11.57
N ALA A 300 -7.61 10.73 -12.57
CA ALA A 300 -8.21 11.59 -13.57
C ALA A 300 -9.19 12.55 -12.87
N PRO A 301 -9.59 13.64 -13.56
CA PRO A 301 -10.53 14.58 -12.94
C PRO A 301 -11.93 13.97 -12.82
N THR A 302 -12.82 14.64 -12.09
CA THR A 302 -14.19 14.16 -11.90
C THR A 302 -15.09 14.59 -13.06
N PRO A 303 -15.74 13.63 -13.73
CA PRO A 303 -16.64 13.88 -14.87
C PRO A 303 -17.66 15.00 -14.67
N LYS A 304 -18.21 15.49 -15.77
CA LYS A 304 -19.21 16.55 -15.73
C LYS A 304 -20.60 16.01 -15.42
N ILE A 306 -22.42 13.98 -13.21
CA ILE A 306 -22.15 12.60 -12.83
C ILE A 306 -23.16 11.69 -13.49
N GLU A 307 -22.91 10.38 -13.40
CA GLU A 307 -23.81 9.40 -14.00
C GLU A 307 -24.17 8.33 -12.98
N TYR A 308 -25.43 7.93 -12.96
CA TYR A 308 -25.92 6.91 -12.04
C TYR A 308 -26.20 5.66 -12.84
N PRO A 309 -26.07 4.48 -12.20
CA PRO A 309 -25.69 4.27 -10.80
C PRO A 309 -24.28 4.76 -10.47
N LEU A 310 -24.09 5.21 -9.24
CA LEU A 310 -22.80 5.72 -8.80
C LEU A 310 -21.81 4.57 -8.51
N LYS A 311 -20.54 4.80 -8.78
CA LYS A 311 -19.53 3.77 -8.52
C LYS A 311 -19.19 3.71 -7.03
N ALA A 312 -18.71 2.56 -6.59
CA ALA A 312 -18.36 2.38 -5.20
C ALA A 312 -17.39 3.43 -4.70
N HIS A 313 -16.33 3.69 -5.45
CA HIS A 313 -15.36 4.66 -4.96
C HIS A 313 -15.97 6.06 -4.85
N GLN A 314 -17.03 6.32 -5.59
CA GLN A 314 -17.63 7.63 -5.49
C GLN A 314 -18.36 7.80 -4.16
N LYS A 315 -18.97 6.71 -3.69
CA LYS A 315 -19.67 6.74 -2.41
C LYS A 315 -18.66 6.90 -1.29
N VAL A 316 -17.48 6.32 -1.46
CA VAL A 316 -16.45 6.45 -0.44
C VAL A 316 -16.05 7.92 -0.38
N ALA A 317 -15.96 8.54 -1.55
CA ALA A 317 -15.59 9.95 -1.66
C ALA A 317 -16.64 10.79 -0.94
N ILE A 318 -17.91 10.42 -1.14
CA ILE A 318 -19.00 11.14 -0.49
C ILE A 318 -18.92 11.02 1.04
N MET A 319 -18.73 9.79 1.52
CA MET A 319 -18.66 9.58 2.95
C MET A 319 -17.50 10.35 3.58
N ARG A 320 -16.36 10.38 2.89
CA ARG A 320 -15.21 11.08 3.44
C ARG A 320 -15.53 12.58 3.55
N ASN A 321 -16.18 13.10 2.52
CA ASN A 321 -16.53 14.51 2.52
C ASN A 321 -17.51 14.82 3.65
N ILE A 322 -18.55 14.00 3.78
CA ILE A 322 -19.51 14.21 4.84
C ILE A 322 -18.80 14.28 6.19
N GLU A 323 -17.91 13.33 6.47
CA GLU A 323 -17.19 13.35 7.75
C GLU A 323 -16.36 14.61 7.92
N LYS A 324 -15.75 15.07 6.83
CA LYS A 324 -14.92 16.26 6.85
C LYS A 324 -15.75 17.52 7.15
N MET A 325 -16.79 17.73 6.37
CA MET A 325 -17.71 18.86 6.54
C MET A 325 -18.28 18.94 7.96
N LEU A 326 -18.78 17.82 8.48
CA LEU A 326 -19.33 17.81 9.84
C LEU A 326 -18.25 18.20 10.86
N GLY A 327 -17.03 17.76 10.62
CA GLY A 327 -15.95 18.09 11.54
C GLY A 327 -15.72 19.60 11.60
N GLU A 328 -15.80 20.27 10.45
CA GLU A 328 -15.61 21.71 10.40
C GLU A 328 -16.83 22.42 10.96
N ALA A 329 -17.99 22.02 10.48
CA ALA A 329 -19.24 22.60 10.91
C ALA A 329 -19.40 22.59 12.43
N LEU A 330 -19.22 21.43 13.04
CA LEU A 330 -19.36 21.27 14.48
C LEU A 330 -18.21 21.91 15.24
N GLY A 331 -17.16 22.26 14.52
CA GLY A 331 -16.01 22.86 15.15
C GLY A 331 -15.18 21.90 15.96
N ASN A 332 -15.53 20.62 15.95
CA ASN A 332 -14.77 19.64 16.70
C ASN A 332 -14.99 18.25 16.10
N PRO A 333 -13.94 17.63 15.54
CA PRO A 333 -14.10 16.32 14.94
C PRO A 333 -14.65 15.26 15.89
N GLN A 334 -14.53 15.51 17.19
CA GLN A 334 -15.01 14.55 18.19
C GLN A 334 -16.53 14.50 18.28
N GLU A 335 -17.18 15.49 17.70
CA GLU A 335 -18.63 15.51 17.74
C GLU A 335 -19.28 14.82 16.54
N VAL A 336 -18.45 14.46 15.57
CA VAL A 336 -18.93 13.81 14.36
C VAL A 336 -19.73 12.55 14.65
N GLY A 337 -19.16 11.63 15.41
CA GLY A 337 -19.86 10.40 15.73
C GLY A 337 -21.19 10.61 16.43
N PRO A 338 -21.21 11.36 17.54
CA PRO A 338 -22.47 11.59 18.27
C PRO A 338 -23.54 12.23 17.35
N LEU A 339 -23.11 13.12 16.47
CA LEU A 339 -24.09 13.72 15.57
C LEU A 339 -24.63 12.69 14.58
N LEU A 340 -23.73 11.88 14.00
CA LEU A 340 -24.15 10.88 13.04
C LEU A 340 -25.12 9.89 13.68
N ASN A 341 -24.81 9.45 14.90
CA ASN A 341 -25.70 8.52 15.61
C ASN A 341 -27.09 9.12 15.91
N THR A 342 -27.11 10.39 16.33
CA THR A 342 -28.37 11.07 16.61
C THR A 342 -29.19 11.08 15.33
N MET A 343 -28.51 11.34 14.22
CA MET A 343 -29.16 11.39 12.93
C MET A 343 -29.78 10.06 12.49
N ILE A 344 -29.12 8.95 12.79
CA ILE A 344 -29.69 7.70 12.34
C ILE A 344 -30.47 6.86 13.33
N LYS A 345 -30.16 6.94 14.63
CA LYS A 345 -30.85 6.09 15.60
C LYS A 345 -32.34 6.24 15.53
N GLY A 346 -33.02 5.14 15.23
CA GLY A 346 -34.46 5.20 15.15
C GLY A 346 -35.04 5.98 13.98
N ARG A 347 -34.18 6.37 13.04
CA ARG A 347 -34.60 7.11 11.85
C ARG A 347 -34.18 6.43 10.54
N TYR A 348 -32.93 5.96 10.48
CA TYR A 348 -32.45 5.30 9.25
C TYR A 348 -31.94 3.89 9.47
N ASN A 349 -31.89 3.43 10.71
CA ASN A 349 -31.42 2.09 10.98
C ASN A 349 -32.52 1.15 11.48
N GLN B 9 -20.98 19.14 -5.83
CA GLN B 9 -20.19 17.93 -6.22
C GLN B 9 -20.27 16.90 -5.09
N LEU B 10 -19.41 17.06 -4.09
CA LEU B 10 -19.38 16.16 -2.94
C LEU B 10 -18.78 14.81 -3.32
N THR B 11 -18.83 14.50 -4.61
CA THR B 11 -18.31 13.23 -5.11
C THR B 11 -16.85 13.37 -5.52
N SER B 12 -16.18 14.38 -4.96
CA SER B 12 -14.78 14.65 -5.25
C SER B 12 -13.83 14.25 -4.11
N TYR B 13 -12.61 13.84 -4.46
CA TYR B 13 -11.62 13.43 -3.46
C TYR B 13 -10.69 14.56 -3.04
N ASP B 14 -9.51 14.18 -2.54
CA ASP B 14 -8.51 15.15 -2.11
C ASP B 14 -7.26 14.41 -1.67
FE FE2 C . -0.32 1.96 0.24
S SO4 D . 15.08 -6.10 20.87
O1 SO4 D . 15.65 -4.84 21.42
O2 SO4 D . 13.63 -6.10 21.09
O3 SO4 D . 15.39 -6.18 19.43
O4 SO4 D . 15.69 -7.25 21.56
S SO4 E . -6.94 14.31 4.93
O1 SO4 E . -5.96 14.78 5.94
O2 SO4 E . -7.38 15.46 4.11
O3 SO4 E . -6.29 13.31 4.07
O4 SO4 E . -8.11 13.73 5.60
C BCT F . -0.77 4.68 0.81
O1 BCT F . 0.13 4.13 1.52
O2 BCT F . -1.46 4.06 -0.12
O3 BCT F . -0.99 5.91 1.06
C1 AKG G . 1.96 1.34 -1.25
O1 AKG G . 2.93 1.39 -2.00
O2 AKG G . 0.89 1.85 -1.59
C2 AKG G . 2.07 0.63 0.10
O5 AKG G . 1.10 0.62 0.87
C3 AKG G . 3.26 0.02 0.46
C4 AKG G . 3.48 -0.50 1.73
C5 AKG G . 4.37 -1.74 1.71
O3 AKG G . 4.69 -2.29 2.76
O4 AKG G . 4.79 -2.22 0.65
C1 GOL H . -9.75 -19.30 3.19
O1 GOL H . -10.72 -19.54 3.98
C2 GOL H . -9.58 -20.29 1.98
O2 GOL H . -10.82 -20.47 1.12
C3 GOL H . -8.32 -19.79 1.16
O3 GOL H . -8.04 -20.60 0.01
C1 GOL I . 13.35 13.38 -10.37
O1 GOL I . 13.26 14.36 -11.19
C2 GOL I . 13.53 13.87 -8.88
O2 GOL I . 12.41 14.75 -8.37
C3 GOL I . 13.65 12.67 -7.95
O3 GOL I . 13.81 13.22 -6.64
C1 GOL J . 13.70 14.92 3.91
O1 GOL J . 14.55 14.25 4.57
C2 GOL J . 12.35 14.09 3.80
O2 GOL J . 11.81 13.75 5.16
C3 GOL J . 11.32 14.92 2.98
O3 GOL J . 10.09 14.24 2.84
#